data_8EN9
#
_entry.id   8EN9
#
_cell.length_a   95.399
_cell.length_b   95.399
_cell.length_c   136.128
_cell.angle_alpha   90.000
_cell.angle_beta   90.000
_cell.angle_gamma   120.000
#
_symmetry.space_group_name_H-M   'H 3'
#
loop_
_entity.id
_entity.type
_entity.pdbx_description
1 polymer 'Tellurite resistance protein TehA homolog'
2 non-polymer 'octyl beta-D-glucopyranoside'
3 non-polymer 'CHLORIDE ION'
4 non-polymer 'SODIUM ION'
5 water water
#
_entity_poly.entity_id   1
_entity_poly.type   'polypeptide(L)'
_entity_poly.pdbx_seq_one_letter_code
;MNITKPFPLPTGYFGIPLGLAALSLAWFHLENLFPAARMVSDVLGIVASAVWILFILMYAYKLRYYFEEVRAEYHSPVRF
SFIALIPITTMLVGDILYRWNPLIAEVLIWIGTIGQLLFSTLRVSELWQGGVFEQKSTHPSFYLPAVAANFTSASSLALL
GYHDLGYLFFGAGMIAWIIFEPVLLQHLRISSLEPQFRATMGIVLAPAFVCVSAYLSINHGEVDTLAKILWGYGFLQLFF
LLRLFPWIVEKGLNIGLWAFSFGLASMANSATAFYHGNVLQGVSIFAFVFSNVMIGLLVLMTIYKLTKGQFFLK
;
_entity_poly.pdbx_strand_id   A
#
loop_
_chem_comp.id
_chem_comp.type
_chem_comp.name
_chem_comp.formula
BOG D-saccharide 'octyl beta-D-glucopyranoside' 'C14 H28 O6'
CL non-polymer 'CHLORIDE ION' 'Cl -1'
NA non-polymer 'SODIUM ION' 'Na 1'
#
# COMPACT_ATOMS: atom_id res chain seq x y z
N LYS A 5 -22.80 -16.39 12.67
CA LYS A 5 -21.71 -17.27 13.09
C LYS A 5 -20.36 -16.54 12.98
N PRO A 6 -19.69 -16.33 14.12
CA PRO A 6 -18.40 -15.62 14.11
C PRO A 6 -17.39 -16.30 13.18
N PHE A 7 -16.31 -15.57 12.90
CA PHE A 7 -15.24 -16.04 12.03
C PHE A 7 -14.00 -15.14 12.15
N PRO A 8 -12.80 -15.70 12.12
CA PRO A 8 -11.59 -14.86 12.16
C PRO A 8 -11.39 -14.15 10.84
N LEU A 9 -11.40 -12.82 10.88
CA LEU A 9 -11.19 -12.02 9.68
C LEU A 9 -9.79 -12.23 9.13
N PRO A 10 -9.64 -12.59 7.86
CA PRO A 10 -8.30 -12.72 7.27
C PRO A 10 -7.63 -11.37 7.17
N THR A 11 -6.38 -11.29 7.65
CA THR A 11 -5.67 -10.01 7.75
C THR A 11 -5.53 -9.32 6.39
N GLY A 12 -5.29 -10.09 5.33
CA GLY A 12 -5.19 -9.56 3.98
C GLY A 12 -6.31 -8.62 3.57
N TYR A 13 -7.46 -8.72 4.24
CA TYR A 13 -8.61 -7.92 3.84
C TYR A 13 -8.40 -6.45 4.09
N PHE A 14 -7.42 -6.09 4.93
CA PHE A 14 -7.13 -4.66 5.08
C PHE A 14 -6.65 -4.04 3.77
N GLY A 15 -6.17 -4.86 2.83
CA GLY A 15 -5.83 -4.36 1.52
C GLY A 15 -6.96 -3.63 0.83
N ILE A 16 -8.21 -3.93 1.18
CA ILE A 16 -9.33 -3.30 0.49
C ILE A 16 -9.47 -1.83 0.89
N PRO A 17 -9.60 -1.50 2.18
CA PRO A 17 -9.61 -0.06 2.55
C PRO A 17 -8.32 0.65 2.21
N LEU A 18 -7.16 0.01 2.44
CA LEU A 18 -5.90 0.58 1.98
C LEU A 18 -6.01 1.15 0.56
N GLY A 19 -6.27 0.27 -0.41
CA GLY A 19 -6.44 0.73 -1.76
C GLY A 19 -7.40 1.90 -1.86
N LEU A 20 -8.58 1.74 -1.28
CA LEU A 20 -9.58 2.79 -1.39
C LEU A 20 -9.09 4.08 -0.74
N ALA A 21 -8.43 3.97 0.42
CA ALA A 21 -7.92 5.19 1.04
C ALA A 21 -6.90 5.85 0.13
N ALA A 22 -6.00 5.06 -0.44
CA ALA A 22 -4.99 5.64 -1.31
C ALA A 22 -5.68 6.38 -2.45
N LEU A 23 -6.75 5.79 -3.01
CA LEU A 23 -7.40 6.42 -4.15
C LEU A 23 -8.04 7.73 -3.73
N SER A 24 -8.67 7.73 -2.54
CA SER A 24 -9.15 8.98 -1.99
C SER A 24 -8.06 10.05 -2.05
N LEU A 25 -6.88 9.75 -1.48
CA LEU A 25 -5.88 10.80 -1.38
C LEU A 25 -5.41 11.23 -2.76
N ALA A 26 -5.40 10.33 -3.75
CA ALA A 26 -5.04 10.74 -5.09
C ALA A 26 -6.01 11.80 -5.60
N TRP A 27 -7.32 11.51 -5.52
CA TRP A 27 -8.30 12.50 -5.98
C TRP A 27 -8.20 13.76 -5.15
N PHE A 28 -7.82 13.64 -3.88
CA PHE A 28 -7.77 14.84 -3.06
C PHE A 28 -6.75 15.83 -3.63
N HIS A 29 -5.71 15.34 -4.27
CA HIS A 29 -4.70 16.25 -4.79
C HIS A 29 -5.10 16.85 -6.12
N LEU A 30 -6.20 16.41 -6.73
CA LEU A 30 -6.72 17.06 -7.91
C LEU A 30 -7.59 18.27 -7.60
N GLU A 31 -7.88 18.53 -6.32
CA GLU A 31 -8.93 19.48 -5.96
C GLU A 31 -8.70 20.86 -6.59
N ASN A 32 -7.51 21.43 -6.40
CA ASN A 32 -7.25 22.77 -6.93
C ASN A 32 -7.16 22.79 -8.46
N LEU A 33 -7.09 21.64 -9.11
CA LEU A 33 -7.15 21.60 -10.57
C LEU A 33 -8.56 21.37 -11.06
N PHE A 34 -9.37 20.61 -10.31
CA PHE A 34 -10.72 20.27 -10.74
C PHE A 34 -11.56 20.05 -9.49
N PRO A 35 -12.22 21.10 -9.01
CA PRO A 35 -12.91 21.03 -7.70
C PRO A 35 -13.86 19.86 -7.55
N ALA A 36 -14.45 19.37 -8.63
CA ALA A 36 -15.34 18.22 -8.52
C ALA A 36 -14.61 17.01 -7.91
N ALA A 37 -13.30 16.88 -8.18
CA ALA A 37 -12.49 15.81 -7.59
C ALA A 37 -12.67 15.75 -6.08
N ARG A 38 -12.83 16.91 -5.43
CA ARG A 38 -12.98 16.88 -3.98
C ARG A 38 -14.19 16.03 -3.58
N MET A 39 -15.31 16.19 -4.29
CA MET A 39 -16.46 15.33 -4.04
C MET A 39 -16.08 13.86 -4.13
N VAL A 40 -15.48 13.46 -5.26
CA VAL A 40 -15.04 12.06 -5.38
C VAL A 40 -14.14 11.69 -4.22
N SER A 41 -13.19 12.58 -3.89
CA SER A 41 -12.26 12.27 -2.82
C SER A 41 -12.99 12.02 -1.50
N ASP A 42 -14.09 12.76 -1.26
CA ASP A 42 -14.82 12.55 -0.01
C ASP A 42 -15.52 11.20 -0.01
N VAL A 43 -16.14 10.81 -1.11
CA VAL A 43 -16.93 9.58 -1.10
C VAL A 43 -16.03 8.38 -0.83
N LEU A 44 -15.04 8.17 -1.70
CA LEU A 44 -13.99 7.19 -1.41
C LEU A 44 -13.51 7.29 0.03
N GLY A 45 -13.19 8.51 0.48
CA GLY A 45 -12.67 8.65 1.83
C GLY A 45 -13.61 8.03 2.84
N ILE A 46 -14.89 8.43 2.81
CA ILE A 46 -15.85 7.95 3.79
C ILE A 46 -15.96 6.43 3.70
N VAL A 47 -16.05 5.89 2.48
CA VAL A 47 -16.18 4.45 2.35
C VAL A 47 -14.96 3.77 2.95
N ALA A 48 -13.76 4.28 2.61
CA ALA A 48 -12.54 3.65 3.11
C ALA A 48 -12.54 3.65 4.63
N SER A 49 -13.07 4.71 5.24
CA SER A 49 -12.99 4.77 6.68
C SER A 49 -14.03 3.86 7.31
N ALA A 50 -15.20 3.76 6.69
CA ALA A 50 -16.24 2.85 7.18
C ALA A 50 -15.68 1.43 7.26
N VAL A 51 -15.25 0.91 6.11
CA VAL A 51 -14.63 -0.41 6.06
C VAL A 51 -13.52 -0.52 7.11
N TRP A 52 -12.66 0.50 7.18
CA TRP A 52 -11.56 0.43 8.14
C TRP A 52 -12.11 0.18 9.55
N ILE A 53 -13.09 0.98 9.96
CA ILE A 53 -13.65 0.81 11.31
C ILE A 53 -14.16 -0.61 11.47
N LEU A 54 -14.97 -1.05 10.51
CA LEU A 54 -15.53 -2.39 10.59
C LEU A 54 -14.40 -3.40 10.69
N PHE A 55 -13.38 -3.25 9.85
CA PHE A 55 -12.31 -4.23 9.85
C PHE A 55 -11.58 -4.21 11.19
N ILE A 56 -11.31 -3.01 11.71
CA ILE A 56 -10.66 -2.92 13.01
C ILE A 56 -11.48 -3.66 14.05
N LEU A 57 -12.79 -3.45 14.05
CA LEU A 57 -13.62 -4.11 15.04
C LEU A 57 -13.49 -5.62 14.89
N MET A 58 -13.61 -6.12 13.66
CA MET A 58 -13.46 -7.55 13.44
C MET A 58 -12.10 -8.03 13.92
N TYR A 59 -11.05 -7.23 13.68
CA TYR A 59 -9.74 -7.73 14.04
C TYR A 59 -9.57 -7.72 15.55
N ALA A 60 -10.15 -6.73 16.23
CA ALA A 60 -10.19 -6.78 17.69
C ALA A 60 -10.91 -8.02 18.16
N TYR A 61 -12.03 -8.35 17.52
CA TYR A 61 -12.70 -9.59 17.85
C TYR A 61 -11.74 -10.76 17.68
N LYS A 62 -11.04 -10.81 16.53
CA LYS A 62 -10.11 -11.90 16.29
C LYS A 62 -9.00 -11.92 17.33
N LEU A 63 -8.65 -10.76 17.88
CA LEU A 63 -7.59 -10.77 18.88
C LEU A 63 -8.04 -11.40 20.19
N ARG A 64 -9.35 -11.35 20.50
CA ARG A 64 -9.82 -11.89 21.78
C ARG A 64 -10.22 -13.35 21.69
N TYR A 65 -10.87 -13.76 20.61
CA TYR A 65 -11.44 -15.08 20.53
C TYR A 65 -10.69 -16.02 19.59
N TYR A 66 -9.78 -15.51 18.76
CA TYR A 66 -8.96 -16.34 17.88
C TYR A 66 -7.49 -15.96 18.02
N PHE A 67 -7.06 -15.62 19.24
CA PHE A 67 -5.74 -15.04 19.37
C PHE A 67 -4.64 -15.93 18.83
N GLU A 68 -4.78 -17.27 18.96
CA GLU A 68 -3.71 -18.16 18.51
C GLU A 68 -3.54 -18.12 16.99
N GLU A 69 -4.59 -17.82 16.25
CA GLU A 69 -4.43 -17.62 14.81
C GLU A 69 -3.60 -16.38 14.54
N VAL A 70 -3.80 -15.31 15.30
CA VAL A 70 -2.99 -14.12 15.12
C VAL A 70 -1.54 -14.40 15.49
N ARG A 71 -1.33 -15.16 16.57
CA ARG A 71 0.05 -15.46 16.98
C ARG A 71 0.76 -16.28 15.92
N ALA A 72 0.05 -17.26 15.34
CA ALA A 72 0.64 -18.06 14.28
C ALA A 72 0.97 -17.20 13.07
N GLU A 73 0.07 -16.28 12.70
CA GLU A 73 0.42 -15.29 11.69
C GLU A 73 1.68 -14.51 12.07
N TYR A 74 1.78 -14.09 13.32
CA TYR A 74 2.87 -13.22 13.74
C TYR A 74 4.22 -13.93 13.68
N HIS A 75 4.26 -15.23 13.99
CA HIS A 75 5.51 -15.98 13.99
C HIS A 75 5.89 -16.56 12.62
N SER A 76 5.00 -16.53 11.65
CA SER A 76 5.32 -17.06 10.33
C SER A 76 6.31 -16.14 9.60
N PRO A 77 7.40 -16.67 9.03
CA PRO A 77 8.32 -15.79 8.27
C PRO A 77 7.71 -15.24 6.98
N VAL A 78 6.47 -15.57 6.65
CA VAL A 78 5.80 -15.03 5.46
C VAL A 78 4.57 -14.21 5.84
N ARG A 79 3.68 -14.80 6.66
CA ARG A 79 2.36 -14.21 6.87
C ARG A 79 2.38 -12.97 7.76
N PHE A 80 3.41 -12.82 8.60
CA PHE A 80 3.48 -11.68 9.51
C PHE A 80 3.36 -10.37 8.77
N SER A 81 3.83 -10.32 7.51
CA SER A 81 3.89 -9.06 6.77
C SER A 81 2.51 -8.46 6.62
N PHE A 82 1.46 -9.29 6.49
CA PHE A 82 0.15 -8.71 6.29
C PHE A 82 -0.33 -7.99 7.54
N ILE A 83 0.22 -8.33 8.71
CA ILE A 83 -0.14 -7.59 9.92
C ILE A 83 0.16 -6.11 9.71
N ALA A 84 1.23 -5.80 8.98
CA ALA A 84 1.59 -4.40 8.75
C ALA A 84 0.49 -3.62 8.03
N LEU A 85 -0.41 -4.29 7.31
CA LEU A 85 -1.51 -3.55 6.68
C LEU A 85 -2.29 -2.72 7.70
N ILE A 86 -2.32 -3.15 8.97
CA ILE A 86 -3.20 -2.50 9.94
C ILE A 86 -2.69 -1.09 10.25
N PRO A 87 -1.45 -0.94 10.73
CA PRO A 87 -0.93 0.43 10.89
C PRO A 87 -0.95 1.23 9.59
N ILE A 88 -0.56 0.62 8.47
CA ILE A 88 -0.52 1.37 7.21
C ILE A 88 -1.87 2.03 6.94
N THR A 89 -2.94 1.22 6.88
CA THR A 89 -4.24 1.81 6.58
C THR A 89 -4.66 2.75 7.70
N THR A 90 -4.31 2.43 8.95
CA THR A 90 -4.58 3.37 10.03
C THR A 90 -3.99 4.74 9.71
N MET A 91 -2.76 4.77 9.18
CA MET A 91 -2.18 6.06 8.85
C MET A 91 -2.93 6.71 7.71
N LEU A 92 -3.31 5.91 6.71
CA LEU A 92 -4.00 6.48 5.56
C LEU A 92 -5.34 7.06 5.98
N VAL A 93 -6.09 6.35 6.83
CA VAL A 93 -7.34 6.91 7.34
C VAL A 93 -7.06 8.19 8.09
N GLY A 94 -5.99 8.22 8.89
CA GLY A 94 -5.56 9.49 9.49
C GLY A 94 -5.43 10.61 8.48
N ASP A 95 -4.76 10.33 7.35
CA ASP A 95 -4.61 11.38 6.34
C ASP A 95 -5.97 11.84 5.83
N ILE A 96 -6.88 10.91 5.57
CA ILE A 96 -8.20 11.32 5.11
C ILE A 96 -8.86 12.21 6.16
N LEU A 97 -8.82 11.77 7.41
CA LEU A 97 -9.52 12.50 8.45
C LEU A 97 -8.93 13.88 8.63
N TYR A 98 -7.69 14.09 8.18
CA TYR A 98 -7.11 15.41 8.37
C TYR A 98 -7.97 16.49 7.73
N ARG A 99 -8.65 16.19 6.62
CA ARG A 99 -9.40 17.24 5.95
C ARG A 99 -10.55 17.76 6.81
N TRP A 100 -10.98 17.02 7.82
CA TRP A 100 -12.11 17.38 8.68
C TRP A 100 -11.74 17.57 10.14
N ASN A 101 -10.89 16.71 10.69
CA ASN A 101 -10.48 16.83 12.09
C ASN A 101 -9.00 16.55 12.21
N PRO A 102 -8.16 17.59 12.18
CA PRO A 102 -6.71 17.37 12.26
C PRO A 102 -6.24 16.72 13.56
N LEU A 103 -7.04 16.78 14.63
CA LEU A 103 -6.62 16.22 15.91
C LEU A 103 -6.76 14.69 15.94
N ILE A 104 -7.94 14.18 15.56
CA ILE A 104 -8.08 12.74 15.37
C ILE A 104 -7.07 12.25 14.35
N ALA A 105 -6.86 13.01 13.28
CA ALA A 105 -5.92 12.62 12.23
C ALA A 105 -4.52 12.45 12.78
N GLU A 106 -4.05 13.41 13.60
CA GLU A 106 -2.72 13.27 14.16
C GLU A 106 -2.63 12.10 15.12
N VAL A 107 -3.68 11.87 15.93
CA VAL A 107 -3.65 10.72 16.83
C VAL A 107 -3.51 9.42 16.03
N LEU A 108 -4.33 9.27 14.99
CA LEU A 108 -4.25 8.07 14.17
C LEU A 108 -2.86 7.95 13.52
N ILE A 109 -2.31 9.05 13.03
CA ILE A 109 -1.04 8.94 12.31
C ILE A 109 0.06 8.51 13.26
N TRP A 110 0.07 9.05 14.49
CA TRP A 110 1.10 8.62 15.45
C TRP A 110 0.91 7.16 15.87
N ILE A 111 -0.35 6.74 16.10
CA ILE A 111 -0.61 5.32 16.38
C ILE A 111 -0.01 4.45 15.28
N GLY A 112 -0.28 4.79 14.03
CA GLY A 112 0.20 3.98 12.92
C GLY A 112 1.71 3.99 12.78
N THR A 113 2.33 5.16 12.98
CA THR A 113 3.78 5.25 12.82
C THR A 113 4.49 4.49 13.93
N ILE A 114 4.13 4.75 15.18
CA ILE A 114 4.74 4.04 16.30
C ILE A 114 4.50 2.55 16.17
N GLY A 115 3.26 2.15 15.84
CA GLY A 115 2.94 0.75 15.67
C GLY A 115 3.73 0.04 14.58
N GLN A 116 3.91 0.69 13.42
CA GLN A 116 4.62 -0.01 12.36
C GLN A 116 6.11 -0.08 12.67
N LEU A 117 6.67 0.99 13.24
CA LEU A 117 8.08 0.94 13.62
C LEU A 117 8.31 -0.15 14.66
N LEU A 118 7.40 -0.27 15.61
CA LEU A 118 7.57 -1.24 16.69
C LEU A 118 7.39 -2.66 16.15
N PHE A 119 6.43 -2.83 15.25
CA PHE A 119 6.23 -4.11 14.62
C PHE A 119 7.50 -4.56 13.87
N SER A 120 8.07 -3.66 13.08
CA SER A 120 9.21 -4.06 12.26
C SER A 120 10.45 -4.29 13.13
N THR A 121 10.69 -3.42 14.11
CA THR A 121 11.79 -3.65 15.04
C THR A 121 11.66 -5.00 15.75
N LEU A 122 10.46 -5.35 16.19
CA LEU A 122 10.31 -6.65 16.85
C LEU A 122 10.57 -7.80 15.88
N ARG A 123 9.94 -7.78 14.71
CA ARG A 123 9.82 -8.98 13.88
C ARG A 123 10.84 -9.06 12.75
N VAL A 124 11.04 -7.99 12.00
CA VAL A 124 11.93 -8.08 10.85
C VAL A 124 13.37 -8.29 11.30
N SER A 125 13.82 -7.59 12.35
CA SER A 125 15.16 -7.85 12.86
C SER A 125 15.30 -9.30 13.31
N GLU A 126 14.28 -9.81 14.02
CA GLU A 126 14.33 -11.19 14.52
C GLU A 126 14.51 -12.19 13.39
N LEU A 127 14.00 -11.88 12.20
CA LEU A 127 14.35 -12.68 11.03
C LEU A 127 15.85 -12.92 10.92
N TRP A 128 16.69 -11.94 11.30
CA TRP A 128 18.14 -12.05 11.13
C TRP A 128 18.79 -13.07 12.06
N GLN A 129 18.05 -13.71 12.96
CA GLN A 129 18.67 -14.76 13.75
C GLN A 129 18.73 -16.09 13.02
N GLY A 130 18.11 -16.18 11.84
CA GLY A 130 18.25 -17.33 10.99
C GLY A 130 17.40 -18.53 11.42
N GLY A 131 17.27 -19.47 10.48
CA GLY A 131 16.66 -20.76 10.78
C GLY A 131 15.15 -20.82 10.73
N VAL A 132 14.45 -19.68 10.70
CA VAL A 132 13.01 -19.66 10.49
C VAL A 132 12.68 -19.23 9.05
N PHE A 133 13.09 -18.03 8.66
CA PHE A 133 13.02 -17.63 7.27
C PHE A 133 13.79 -18.61 6.40
N GLU A 134 13.17 -19.04 5.30
CA GLU A 134 13.84 -19.88 4.32
C GLU A 134 13.81 -19.18 2.97
N GLN A 135 14.62 -19.71 2.04
CA GLN A 135 14.60 -19.23 0.67
C GLN A 135 13.17 -19.11 0.13
N LYS A 136 12.35 -20.13 0.36
CA LYS A 136 10.96 -20.10 -0.12
C LYS A 136 10.11 -19.05 0.59
N SER A 137 10.63 -18.43 1.66
CA SER A 137 9.93 -17.32 2.34
C SER A 137 10.05 -15.99 1.60
N THR A 138 10.90 -15.89 0.59
CA THR A 138 11.15 -14.63 -0.09
C THR A 138 9.92 -14.22 -0.90
N HIS A 139 8.98 -13.54 -0.27
CA HIS A 139 7.72 -13.20 -0.90
C HIS A 139 7.55 -11.69 -1.06
N PRO A 140 6.90 -11.26 -2.15
CA PRO A 140 6.62 -9.83 -2.33
C PRO A 140 5.97 -9.15 -1.13
N SER A 141 5.11 -9.85 -0.41
CA SER A 141 4.48 -9.28 0.78
C SER A 141 5.48 -8.72 1.78
N PHE A 142 6.73 -9.21 1.76
CA PHE A 142 7.76 -8.68 2.65
C PHE A 142 7.92 -7.15 2.48
N TYR A 143 7.52 -6.59 1.34
CA TYR A 143 7.58 -5.15 1.10
C TYR A 143 6.69 -4.36 2.07
N LEU A 144 5.62 -4.99 2.58
CA LEU A 144 4.67 -4.23 3.40
C LEU A 144 5.29 -3.73 4.70
N PRO A 145 5.80 -4.59 5.59
CA PRO A 145 6.40 -4.08 6.82
C PRO A 145 7.71 -3.38 6.59
N ALA A 146 8.45 -3.75 5.54
CA ALA A 146 9.83 -3.28 5.38
C ALA A 146 9.89 -1.91 4.70
N VAL A 147 8.97 -1.65 3.77
CA VAL A 147 9.09 -0.58 2.79
C VAL A 147 7.86 0.33 2.85
N ALA A 148 6.67 -0.25 2.61
CA ALA A 148 5.45 0.54 2.52
C ALA A 148 5.08 1.19 3.86
N ALA A 149 5.18 0.46 4.97
CA ALA A 149 4.88 1.08 6.26
C ALA A 149 5.73 2.34 6.47
N ASN A 150 7.00 2.27 6.06
CA ASN A 150 7.91 3.40 6.17
C ASN A 150 7.49 4.56 5.27
N PHE A 151 7.18 4.28 4.00
CA PHE A 151 6.79 5.36 3.07
C PHE A 151 5.51 6.03 3.55
N THR A 152 4.61 5.25 4.14
CA THR A 152 3.37 5.80 4.68
C THR A 152 3.62 6.68 5.90
N SER A 153 4.48 6.24 6.82
CA SER A 153 4.93 7.13 7.89
C SER A 153 5.51 8.42 7.33
N ALA A 154 6.34 8.33 6.29
CA ALA A 154 7.01 9.51 5.76
C ALA A 154 6.00 10.54 5.25
N SER A 155 5.07 10.10 4.40
CA SER A 155 4.04 11.01 3.87
C SER A 155 3.10 11.52 4.97
N SER A 156 2.78 10.68 5.96
CA SER A 156 1.84 11.13 6.99
C SER A 156 2.49 12.18 7.89
N LEU A 157 3.73 11.93 8.31
CA LEU A 157 4.42 12.92 9.14
C LEU A 157 4.63 14.20 8.38
N ALA A 158 4.94 14.11 7.08
CA ALA A 158 5.01 15.31 6.26
C ALA A 158 3.68 16.06 6.32
N LEU A 159 2.57 15.32 6.19
CA LEU A 159 1.25 15.95 6.24
C LEU A 159 1.10 16.74 7.52
N LEU A 160 1.70 16.26 8.60
CA LEU A 160 1.61 16.96 9.87
C LEU A 160 2.63 18.08 10.04
N GLY A 161 3.49 18.35 9.05
CA GLY A 161 4.56 19.32 9.20
C GLY A 161 5.90 18.79 9.69
N TYR A 162 6.03 17.49 9.96
CA TYR A 162 7.31 16.94 10.41
C TYR A 162 8.09 16.42 9.20
N HIS A 163 8.66 17.37 8.44
CA HIS A 163 9.27 17.03 7.16
C HIS A 163 10.61 16.29 7.34
N ASP A 164 11.43 16.71 8.30
CA ASP A 164 12.71 16.02 8.49
C ASP A 164 12.50 14.61 9.04
N LEU A 165 11.59 14.46 10.02
CA LEU A 165 11.18 13.12 10.45
C LEU A 165 10.73 12.28 9.26
N GLY A 166 9.87 12.87 8.42
CA GLY A 166 9.40 12.16 7.24
C GLY A 166 10.55 11.73 6.35
N TYR A 167 11.59 12.55 6.28
CA TYR A 167 12.73 12.18 5.45
C TYR A 167 13.47 10.98 6.03
N LEU A 168 13.62 10.94 7.35
CA LEU A 168 14.24 9.76 7.94
C LEU A 168 13.47 8.49 7.57
N PHE A 169 12.15 8.53 7.75
CA PHE A 169 11.31 7.37 7.43
C PHE A 169 11.36 7.03 5.93
N PHE A 170 11.40 8.06 5.07
CA PHE A 170 11.49 7.85 3.63
C PHE A 170 12.77 7.13 3.27
N GLY A 171 13.91 7.54 3.85
CA GLY A 171 15.17 6.89 3.57
C GLY A 171 15.18 5.45 4.01
N ALA A 172 14.61 5.18 5.19
CA ALA A 172 14.46 3.80 5.64
C ALA A 172 13.70 2.97 4.61
N GLY A 173 12.56 3.48 4.14
CA GLY A 173 11.78 2.72 3.17
C GLY A 173 12.50 2.50 1.84
N MET A 174 13.15 3.57 1.32
CA MET A 174 13.78 3.48 0.00
C MET A 174 14.97 2.54 0.00
N ILE A 175 15.82 2.62 1.04
CA ILE A 175 16.98 1.75 1.07
C ILE A 175 16.55 0.33 1.42
N ALA A 176 15.52 0.15 2.25
CA ALA A 176 15.01 -1.19 2.48
C ALA A 176 14.49 -1.81 1.19
N TRP A 177 13.80 -1.00 0.38
CA TRP A 177 13.32 -1.44 -0.92
C TRP A 177 14.46 -1.96 -1.78
N ILE A 178 15.46 -1.10 -2.00
CA ILE A 178 16.58 -1.44 -2.86
C ILE A 178 17.37 -2.61 -2.31
N ILE A 179 17.34 -2.79 -0.98
CA ILE A 179 18.09 -3.89 -0.39
C ILE A 179 17.36 -5.22 -0.49
N PHE A 180 16.03 -5.21 -0.61
CA PHE A 180 15.32 -6.47 -0.66
C PHE A 180 14.97 -6.92 -2.08
N GLU A 181 14.62 -5.99 -2.97
CA GLU A 181 14.15 -6.41 -4.28
C GLU A 181 15.14 -7.26 -5.07
N PRO A 182 16.46 -7.10 -4.95
CA PRO A 182 17.38 -7.95 -5.75
C PRO A 182 17.14 -9.43 -5.52
N VAL A 183 17.12 -9.84 -4.25
CA VAL A 183 16.97 -11.26 -3.95
C VAL A 183 15.55 -11.71 -4.25
N LEU A 184 14.57 -10.81 -4.18
CA LEU A 184 13.21 -11.20 -4.51
C LEU A 184 13.09 -11.49 -6.00
N LEU A 185 13.65 -10.65 -6.85
CA LEU A 185 13.56 -10.92 -8.27
C LEU A 185 14.35 -12.17 -8.63
N GLN A 186 15.50 -12.40 -7.98
CA GLN A 186 16.26 -13.61 -8.27
C GLN A 186 15.47 -14.85 -7.90
N HIS A 187 14.82 -14.83 -6.73
CA HIS A 187 13.99 -15.93 -6.30
C HIS A 187 12.79 -16.15 -7.23
N LEU A 188 12.20 -15.06 -7.72
CA LEU A 188 11.12 -15.19 -8.69
C LEU A 188 11.62 -15.84 -9.98
N ARG A 189 12.83 -15.48 -10.42
CA ARG A 189 13.37 -16.07 -11.63
C ARG A 189 13.57 -17.57 -11.47
N ILE A 190 14.02 -18.00 -10.30
CA ILE A 190 14.41 -19.39 -10.12
C ILE A 190 13.21 -20.27 -9.74
N SER A 191 12.48 -19.91 -8.69
CA SER A 191 11.34 -20.69 -8.22
C SER A 191 10.00 -20.07 -8.55
N SER A 192 9.88 -18.75 -8.55
CA SER A 192 8.63 -18.04 -8.77
C SER A 192 7.68 -18.40 -7.61
N LEU A 193 6.38 -18.55 -7.87
CA LEU A 193 5.33 -18.56 -6.87
C LEU A 193 4.23 -19.53 -7.31
N GLU A 194 3.73 -20.29 -6.34
CA GLU A 194 2.59 -21.18 -6.57
C GLU A 194 1.31 -20.39 -6.75
N PRO A 195 0.37 -20.90 -7.55
CA PRO A 195 -0.86 -20.15 -7.82
C PRO A 195 -1.54 -19.57 -6.59
N GLN A 196 -1.43 -20.26 -5.45
CA GLN A 196 -2.07 -19.75 -4.24
C GLN A 196 -1.54 -18.38 -3.86
N PHE A 197 -0.27 -18.11 -4.17
CA PHE A 197 0.39 -16.85 -3.83
C PHE A 197 0.51 -15.87 -4.99
N ARG A 198 0.14 -16.26 -6.22
CA ARG A 198 0.49 -15.42 -7.37
C ARG A 198 -0.13 -14.04 -7.31
N ALA A 199 -1.33 -13.91 -6.73
CA ALA A 199 -1.97 -12.59 -6.68
C ALA A 199 -1.08 -11.59 -5.95
N THR A 200 -0.22 -12.08 -5.06
CA THR A 200 0.74 -11.25 -4.33
C THR A 200 1.75 -10.56 -5.25
N MET A 201 1.79 -10.93 -6.53
CA MET A 201 2.69 -10.29 -7.48
C MET A 201 2.38 -8.81 -7.65
N GLY A 202 1.13 -8.42 -7.46
CA GLY A 202 0.74 -7.02 -7.54
C GLY A 202 1.48 -6.10 -6.57
N ILE A 203 1.96 -6.63 -5.45
CA ILE A 203 2.71 -5.78 -4.54
C ILE A 203 4.04 -5.36 -5.16
N VAL A 204 4.52 -6.10 -6.17
CA VAL A 204 5.76 -5.77 -6.88
C VAL A 204 5.62 -4.44 -7.59
N LEU A 205 4.41 -4.11 -8.05
CA LEU A 205 4.16 -2.82 -8.66
C LEU A 205 4.35 -1.69 -7.66
N ALA A 206 4.15 -1.98 -6.38
CA ALA A 206 3.97 -0.90 -5.40
C ALA A 206 5.25 -0.11 -5.13
N PRO A 207 6.38 -0.72 -4.80
CA PRO A 207 7.50 0.07 -4.23
C PRO A 207 7.83 1.37 -4.98
N ALA A 208 8.03 1.36 -6.30
CA ALA A 208 8.49 2.59 -6.94
C ALA A 208 7.43 3.68 -6.82
N PHE A 209 6.16 3.35 -7.08
CA PHE A 209 5.11 4.37 -7.07
C PHE A 209 4.82 4.87 -5.66
N VAL A 210 4.81 3.97 -4.67
CA VAL A 210 4.62 4.42 -3.30
C VAL A 210 5.79 5.29 -2.86
N CYS A 211 7.02 4.88 -3.21
CA CYS A 211 8.21 5.69 -2.99
C CYS A 211 8.04 7.10 -3.54
N VAL A 212 7.68 7.20 -4.82
CA VAL A 212 7.63 8.52 -5.44
C VAL A 212 6.54 9.37 -4.81
N SER A 213 5.39 8.75 -4.47
CA SER A 213 4.34 9.50 -3.80
C SER A 213 4.80 10.03 -2.46
N ALA A 214 5.51 9.22 -1.68
CA ALA A 214 5.99 9.73 -0.40
C ALA A 214 7.03 10.82 -0.61
N TYR A 215 7.87 10.66 -1.63
CA TYR A 215 8.93 11.63 -1.87
C TYR A 215 8.34 12.99 -2.24
N LEU A 216 7.36 12.99 -3.16
CA LEU A 216 6.68 14.21 -3.55
C LEU A 216 5.86 14.80 -2.41
N SER A 217 5.34 13.96 -1.51
CA SER A 217 4.66 14.51 -0.35
C SER A 217 5.63 15.27 0.55
N ILE A 218 6.82 14.73 0.77
CA ILE A 218 7.74 15.37 1.71
C ILE A 218 8.44 16.58 1.08
N ASN A 219 8.62 16.61 -0.24
CA ASN A 219 9.38 17.67 -0.89
C ASN A 219 8.50 18.71 -1.56
N HIS A 220 7.25 18.83 -1.13
CA HIS A 220 6.35 19.90 -1.57
C HIS A 220 6.03 19.82 -3.07
N GLY A 221 5.92 18.60 -3.60
CA GLY A 221 5.51 18.42 -4.98
C GLY A 221 6.55 18.73 -6.03
N GLU A 222 7.83 18.81 -5.67
CA GLU A 222 8.86 19.16 -6.64
C GLU A 222 9.24 17.96 -7.50
N VAL A 223 8.78 17.92 -8.75
CA VAL A 223 9.10 16.82 -9.65
C VAL A 223 10.51 16.95 -10.20
N ASP A 224 11.48 16.38 -9.51
CA ASP A 224 12.87 16.52 -9.88
C ASP A 224 13.41 15.24 -10.57
N THR A 225 14.73 15.13 -10.69
CA THR A 225 15.34 14.00 -11.39
C THR A 225 15.02 12.67 -10.70
N LEU A 226 15.07 12.65 -9.36
CA LEU A 226 14.79 11.43 -8.63
C LEU A 226 13.37 10.95 -8.91
N ALA A 227 12.40 11.87 -8.91
CA ALA A 227 11.02 11.46 -9.08
C ALA A 227 10.79 10.86 -10.46
N LYS A 228 11.48 11.36 -11.47
CA LYS A 228 11.36 10.81 -12.82
C LYS A 228 12.04 9.46 -12.92
N ILE A 229 13.19 9.30 -12.25
CA ILE A 229 13.88 8.01 -12.20
C ILE A 229 12.95 6.95 -11.64
N LEU A 230 12.35 7.26 -10.50
CA LEU A 230 11.40 6.36 -9.84
C LEU A 230 10.22 6.05 -10.77
N TRP A 231 9.66 7.08 -11.41
CA TRP A 231 8.53 6.86 -12.30
C TRP A 231 8.89 5.92 -13.46
N GLY A 232 10.09 6.06 -14.01
CA GLY A 232 10.52 5.18 -15.07
C GLY A 232 10.59 3.72 -14.63
N TYR A 233 11.21 3.47 -13.47
CA TYR A 233 11.28 2.09 -12.99
C TYR A 233 9.89 1.53 -12.67
N GLY A 234 9.02 2.36 -12.10
CA GLY A 234 7.66 1.95 -11.83
C GLY A 234 6.91 1.53 -13.08
N PHE A 235 7.05 2.30 -14.17
CA PHE A 235 6.38 1.92 -15.41
C PHE A 235 6.99 0.65 -16.02
N LEU A 236 8.30 0.44 -15.83
CA LEU A 236 8.89 -0.83 -16.26
C LEU A 236 8.22 -2.02 -15.56
N GLN A 237 8.07 -1.93 -14.24
CA GLN A 237 7.45 -3.05 -13.52
C GLN A 237 5.98 -3.18 -13.90
N LEU A 238 5.30 -2.04 -14.08
CA LEU A 238 3.93 -2.08 -14.58
C LEU A 238 3.83 -2.89 -15.87
N PHE A 239 4.72 -2.61 -16.83
CA PHE A 239 4.64 -3.33 -18.09
C PHE A 239 4.91 -4.82 -17.89
N PHE A 240 5.94 -5.14 -17.09
CA PHE A 240 6.21 -6.55 -16.82
C PHE A 240 4.97 -7.22 -16.26
N LEU A 241 4.33 -6.57 -15.28
CA LEU A 241 3.18 -7.15 -14.63
C LEU A 241 2.01 -7.31 -15.59
N LEU A 242 1.77 -6.31 -16.45
CA LEU A 242 0.74 -6.46 -17.47
C LEU A 242 1.00 -7.68 -18.33
N ARG A 243 2.26 -7.90 -18.72
CA ARG A 243 2.57 -9.05 -19.54
C ARG A 243 2.34 -10.34 -18.76
N LEU A 244 2.63 -10.31 -17.46
CA LEU A 244 2.47 -11.48 -16.62
C LEU A 244 1.02 -11.73 -16.19
N PHE A 245 0.11 -10.79 -16.43
CA PHE A 245 -1.20 -10.90 -15.81
C PHE A 245 -1.91 -12.21 -16.14
N PRO A 246 -1.89 -12.73 -17.37
CA PRO A 246 -2.57 -14.01 -17.62
C PRO A 246 -2.05 -15.13 -16.75
N TRP A 247 -0.73 -15.21 -16.58
CA TRP A 247 -0.14 -16.20 -15.68
C TRP A 247 -0.55 -15.96 -14.22
N ILE A 248 -0.61 -14.70 -13.79
CA ILE A 248 -0.95 -14.41 -12.40
C ILE A 248 -2.34 -14.90 -12.06
N VAL A 249 -3.32 -14.72 -12.97
CA VAL A 249 -4.72 -15.14 -12.76
C VAL A 249 -4.98 -16.43 -13.53
N GLU A 250 -3.95 -17.27 -13.63
CA GLU A 250 -4.06 -18.51 -14.39
C GLU A 250 -5.15 -19.42 -13.84
N LYS A 251 -5.26 -19.49 -12.52
CA LYS A 251 -6.28 -20.30 -11.87
C LYS A 251 -7.57 -19.53 -11.60
N GLY A 252 -7.74 -18.36 -12.18
CA GLY A 252 -8.98 -17.63 -12.04
C GLY A 252 -8.81 -16.33 -11.31
N LEU A 253 -9.70 -15.37 -11.60
CA LEU A 253 -9.77 -14.11 -10.88
C LEU A 253 -10.15 -14.35 -9.43
N ASN A 254 -9.75 -13.43 -8.55
CA ASN A 254 -10.08 -13.59 -7.15
C ASN A 254 -9.79 -12.28 -6.40
N ILE A 255 -10.36 -12.19 -5.20
CA ILE A 255 -10.22 -11.01 -4.36
C ILE A 255 -8.75 -10.67 -4.10
N GLY A 256 -7.85 -11.65 -4.26
CA GLY A 256 -6.44 -11.39 -4.02
C GLY A 256 -5.88 -10.28 -4.90
N LEU A 257 -6.51 -10.02 -6.04
CA LEU A 257 -6.02 -8.99 -6.93
C LEU A 257 -6.10 -7.61 -6.31
N TRP A 258 -6.77 -7.45 -5.16
CA TRP A 258 -6.67 -6.18 -4.45
C TRP A 258 -5.20 -5.84 -4.12
N ALA A 259 -4.29 -6.80 -4.17
CA ALA A 259 -2.88 -6.51 -3.97
C ALA A 259 -2.36 -5.46 -4.94
N PHE A 260 -2.97 -5.34 -6.14
CA PHE A 260 -2.55 -4.33 -7.12
C PHE A 260 -3.01 -2.92 -6.75
N SER A 261 -4.11 -2.80 -6.01
CA SER A 261 -4.68 -1.50 -5.67
C SER A 261 -3.63 -0.55 -5.12
N PHE A 262 -2.79 -1.04 -4.20
CA PHE A 262 -1.81 -0.16 -3.56
C PHE A 262 -0.89 0.47 -4.60
N GLY A 263 -0.40 -0.31 -5.55
CA GLY A 263 0.42 0.27 -6.59
C GLY A 263 -0.40 1.19 -7.47
N LEU A 264 -1.61 0.73 -7.85
CA LEU A 264 -2.45 1.50 -8.76
C LEU A 264 -2.79 2.86 -8.17
N ALA A 265 -3.33 2.86 -6.94
CA ALA A 265 -3.62 4.13 -6.28
C ALA A 265 -2.38 5.00 -6.22
N SER A 266 -1.23 4.42 -5.85
CA SER A 266 -0.04 5.25 -5.73
C SER A 266 0.33 5.86 -7.08
N MET A 267 0.18 5.08 -8.15
CA MET A 267 0.43 5.63 -9.47
C MET A 267 -0.44 6.87 -9.68
N ALA A 268 -1.73 6.73 -9.36
CA ALA A 268 -2.63 7.85 -9.55
C ALA A 268 -2.17 9.05 -8.73
N ASN A 269 -1.74 8.81 -7.48
CA ASN A 269 -1.27 9.91 -6.66
C ASN A 269 -0.07 10.56 -7.32
N SER A 270 0.92 9.76 -7.71
CA SER A 270 2.09 10.36 -8.32
C SER A 270 1.67 11.12 -9.57
N ALA A 271 0.71 10.58 -10.32
CA ALA A 271 0.30 11.23 -11.56
C ALA A 271 -0.11 12.67 -11.29
N THR A 272 -0.91 12.85 -10.24
CA THR A 272 -1.36 14.17 -9.82
C THR A 272 -0.20 15.14 -9.68
N ALA A 273 0.84 14.73 -8.93
CA ALA A 273 1.98 15.62 -8.75
C ALA A 273 2.68 15.90 -10.08
N PHE A 274 2.84 14.86 -10.91
CA PHE A 274 3.45 15.08 -12.21
C PHE A 274 2.61 16.03 -13.04
N TYR A 275 1.30 16.02 -12.82
CA TYR A 275 0.48 16.91 -13.60
C TYR A 275 0.62 18.35 -13.10
N HIS A 276 0.72 18.56 -11.78
CA HIS A 276 0.92 19.93 -11.29
C HIS A 276 2.27 20.48 -11.74
N GLY A 277 3.29 19.62 -11.77
CA GLY A 277 4.62 20.06 -12.16
C GLY A 277 4.82 20.26 -13.63
N ASN A 278 3.80 19.95 -14.44
CA ASN A 278 3.89 20.08 -15.89
C ASN A 278 5.01 19.19 -16.46
N VAL A 279 5.04 17.95 -16.01
CA VAL A 279 6.00 16.96 -16.49
C VAL A 279 5.20 15.80 -17.02
N LEU A 280 5.36 15.50 -18.31
CA LEU A 280 4.72 14.33 -18.92
C LEU A 280 3.23 14.30 -18.61
N GLN A 281 2.54 15.36 -18.99
CA GLN A 281 1.14 15.48 -18.61
C GLN A 281 0.29 14.41 -19.28
N GLY A 282 0.66 14.00 -20.51
CA GLY A 282 -0.08 12.94 -21.18
C GLY A 282 0.06 11.60 -20.49
N VAL A 283 1.30 11.23 -20.15
CA VAL A 283 1.52 10.02 -19.35
C VAL A 283 0.77 10.12 -18.03
N SER A 284 0.73 11.32 -17.44
CA SER A 284 0.03 11.48 -16.17
C SER A 284 -1.47 11.18 -16.32
N ILE A 285 -2.10 11.77 -17.32
CA ILE A 285 -3.52 11.55 -17.48
C ILE A 285 -3.79 10.08 -17.74
N PHE A 286 -2.95 9.46 -18.59
CA PHE A 286 -3.11 8.03 -18.84
C PHE A 286 -3.02 7.23 -17.55
N ALA A 287 -1.99 7.49 -16.75
CA ALA A 287 -1.78 6.73 -15.51
C ALA A 287 -2.96 6.91 -14.57
N PHE A 288 -3.41 8.16 -14.42
CA PHE A 288 -4.52 8.46 -13.51
C PHE A 288 -5.78 7.70 -13.91
N VAL A 289 -6.12 7.74 -15.20
CA VAL A 289 -7.33 7.07 -15.66
C VAL A 289 -7.17 5.55 -15.56
N PHE A 290 -6.00 5.03 -15.89
CA PHE A 290 -5.83 3.58 -15.95
C PHE A 290 -5.92 2.97 -14.55
N SER A 291 -5.27 3.60 -13.58
CA SER A 291 -5.39 3.12 -12.21
C SER A 291 -6.84 3.24 -11.71
N ASN A 292 -7.55 4.33 -12.08
CA ASN A 292 -8.94 4.44 -11.66
C ASN A 292 -9.83 3.37 -12.29
N VAL A 293 -9.67 3.11 -13.58
CA VAL A 293 -10.42 2.02 -14.20
C VAL A 293 -10.10 0.68 -13.53
N MET A 294 -8.82 0.43 -13.20
CA MET A 294 -8.47 -0.87 -12.62
C MET A 294 -9.05 -1.04 -11.23
N ILE A 295 -8.91 -0.02 -10.38
CA ILE A 295 -9.54 -0.10 -9.07
C ILE A 295 -11.07 -0.16 -9.19
N GLY A 296 -11.64 0.43 -10.24
CA GLY A 296 -13.08 0.33 -10.43
C GLY A 296 -13.51 -1.09 -10.79
N LEU A 297 -12.75 -1.75 -11.66
CA LEU A 297 -13.00 -3.15 -11.94
C LEU A 297 -12.90 -3.99 -10.67
N LEU A 298 -11.91 -3.67 -9.82
CA LEU A 298 -11.77 -4.40 -8.55
C LEU A 298 -13.00 -4.20 -7.66
N VAL A 299 -13.50 -2.97 -7.56
CA VAL A 299 -14.70 -2.74 -6.73
C VAL A 299 -15.92 -3.43 -7.32
N LEU A 300 -16.03 -3.44 -8.65
CA LEU A 300 -17.17 -4.10 -9.29
C LEU A 300 -17.14 -5.60 -9.04
N MET A 301 -15.98 -6.23 -9.21
CA MET A 301 -15.89 -7.68 -8.98
C MET A 301 -16.05 -8.02 -7.51
N THR A 302 -15.62 -7.12 -6.59
CA THR A 302 -15.81 -7.39 -5.17
C THR A 302 -17.27 -7.27 -4.76
N ILE A 303 -18.02 -6.34 -5.39
CA ILE A 303 -19.46 -6.29 -5.17
C ILE A 303 -20.15 -7.51 -5.78
N TYR A 304 -19.70 -7.97 -6.95
CA TYR A 304 -20.31 -9.14 -7.54
C TYR A 304 -20.09 -10.37 -6.68
N LYS A 305 -18.90 -10.49 -6.08
CA LYS A 305 -18.64 -11.61 -5.19
C LYS A 305 -19.45 -11.49 -3.91
N LEU A 306 -19.62 -10.28 -3.39
CA LEU A 306 -20.33 -10.11 -2.12
C LEU A 306 -21.82 -10.36 -2.27
N THR A 307 -22.43 -9.85 -3.34
CA THR A 307 -23.87 -9.98 -3.56
C THR A 307 -24.28 -11.34 -4.11
N LYS A 308 -23.32 -12.23 -4.38
CA LYS A 308 -23.64 -13.55 -4.94
C LYS A 308 -23.30 -14.65 -3.96
C1 BOG B . 20.28 17.12 -9.39
O1 BOG B . 20.53 15.77 -9.28
C2 BOG B . 21.63 17.85 -9.29
O2 BOG B . 22.15 17.77 -7.95
C3 BOG B . 21.54 19.28 -9.68
O3 BOG B . 22.87 19.88 -9.65
C4 BOG B . 20.94 19.44 -11.02
O4 BOG B . 20.78 20.86 -11.29
C5 BOG B . 19.58 18.75 -11.13
O5 BOG B . 19.60 17.33 -10.67
C6 BOG B . 19.16 18.77 -12.56
O6 BOG B . 18.00 19.56 -12.70
C1' BOG B . 19.77 15.04 -8.36
C2' BOG B . 19.53 13.68 -9.02
C3' BOG B . 19.78 12.52 -8.09
C4' BOG B . 18.99 11.27 -8.45
C5' BOG B . 19.35 10.08 -7.54
C6' BOG B . 19.02 8.74 -8.20
C7' BOG B . 19.40 7.56 -7.31
C8' BOG B . 18.69 6.26 -7.68
H1 BOG B . 19.65 17.49 -8.59
H2 BOG B . 22.33 17.33 -9.95
HO2 BOG B . 21.74 17.05 -7.50
H3 BOG B . 20.91 19.79 -8.96
HO3 BOG B . 22.97 20.46 -10.39
H4 BOG B . 21.61 19.02 -11.76
HO4 BOG B . 20.79 21.34 -10.48
H5 BOG B . 18.87 19.29 -10.52
H61 BOG B . 19.95 19.20 -13.17
H62 BOG B . 18.96 17.77 -12.90
HO6 BOG B . 17.33 19.21 -12.14
H1'1 BOG B . 20.32 14.91 -7.44
H1'2 BOG B . 18.83 15.54 -8.17
H2'1 BOG B . 18.49 13.64 -9.36
H2'2 BOG B . 20.18 13.60 -9.88
H3'1 BOG B . 19.52 12.82 -7.08
H3'2 BOG B . 20.84 12.28 -8.11
H4'1 BOG B . 17.92 11.48 -8.34
H4'2 BOG B . 19.19 11.00 -9.48
H5'1 BOG B . 20.41 10.12 -7.32
H5'2 BOG B . 18.78 10.16 -6.62
H6'1 BOG B . 19.58 8.67 -9.13
H6'2 BOG B . 17.97 8.70 -8.42
H7'1 BOG B . 19.15 7.81 -6.29
H7'2 BOG B . 20.47 7.41 -7.39
H8'1 BOG B . 19.22 5.42 -7.23
H8'2 BOG B . 18.69 6.14 -8.77
H8'3 BOG B . 17.66 6.29 -7.32
C1 BOG C . 4.00 -15.08 22.10
O1 BOG C . 4.41 -14.12 21.20
C2 BOG C . 5.23 -15.92 22.48
O2 BOG C . 5.58 -16.75 21.37
C3 BOG C . 5.04 -16.81 23.65
O3 BOG C . 6.38 -17.25 24.11
C4 BOG C . 4.34 -16.18 24.79
O4 BOG C . 3.97 -17.22 25.72
C5 BOG C . 3.09 -15.43 24.35
O5 BOG C . 3.41 -14.45 23.28
C6 BOG C . 2.49 -14.74 25.53
O6 BOG C . 1.94 -15.72 26.37
C1' BOG C . 3.60 -12.98 21.24
C2' BOG C . 3.54 -12.35 19.84
C3' BOG C . 2.11 -12.31 19.30
C4' BOG C . 1.91 -11.15 18.33
C5' BOG C . 0.75 -10.28 18.77
C6' BOG C . 0.62 -9.01 17.92
C7' BOG C . 0.07 -9.29 16.54
C8' BOG C . -0.53 -8.02 15.94
H1 BOG C . 3.25 -15.71 21.63
H2 BOG C . 6.02 -15.21 22.72
HO2 BOG C . 4.80 -17.18 21.04
H3 BOG C . 4.44 -17.66 23.34
HO3 BOG C . 6.93 -16.50 24.25
H4 BOG C . 5.01 -15.48 25.27
HO4 BOG C . 3.44 -17.86 25.29
H5 BOG C . 2.35 -16.13 23.98
H61 BOG C . 3.27 -14.19 26.06
H62 BOG C . 1.72 -14.05 25.21
HO6 BOG C . 1.60 -16.44 25.86
H1'1 BOG C . 2.60 -13.25 21.56
H1'2 BOG C . 4.03 -12.26 21.94
H2'1 BOG C . 3.93 -11.34 19.89
H2'2 BOG C . 4.16 -12.94 19.17
H3'1 BOG C . 1.42 -12.21 20.12
H3'2 BOG C . 1.91 -13.25 18.78
H4'1 BOG C . 2.81 -10.55 18.28
H4'2 BOG C . 1.70 -11.55 17.33
H5'1 BOG C . -0.18 -10.85 18.68
H5'2 BOG C . 0.89 -10.00 19.80
H6'1 BOG C . 1.60 -8.56 17.83
H6'2 BOG C . -0.04 -8.32 18.43
H7'1 BOG C . -0.70 -10.06 16.60
H7'2 BOG C . 0.87 -9.65 15.89
H8'1 BOG C . -1.58 -7.95 16.22
H8'2 BOG C . -0.44 -8.05 14.86
H8'3 BOG C . 0.00 -7.15 16.33
C1 BOG D . -18.57 17.08 3.78
O1 BOG D . -17.98 16.65 4.95
C2 BOG D . -19.38 18.36 4.05
O2 BOG D . -19.78 19.01 2.84
C3 BOG D . -18.50 19.27 4.85
O3 BOG D . -18.37 18.74 6.23
C4 BOG D . -17.13 19.35 4.29
O4 BOG D . -16.73 20.74 4.22
C5 BOG D . -17.01 18.78 2.88
O5 BOG D . -17.50 17.37 2.79
C6 BOG D . -15.59 18.79 2.45
O6 BOG D . -15.06 17.49 2.59
C1' BOG D . -18.71 15.67 5.65
C2' BOG D . -17.85 15.19 6.83
C3' BOG D . -17.82 13.67 6.90
C4' BOG D . -17.02 13.06 8.06
C5' BOG D . -17.07 11.54 7.96
C6' BOG D . -15.79 10.83 8.39
C7' BOG D . -15.53 9.54 7.61
C8' BOG D . -16.51 8.41 7.92
H1 BOG D . -19.22 16.30 3.42
H2 BOG D . -20.30 18.13 4.56
HO2 BOG D . -19.45 19.88 2.84
H3 BOG D . -18.96 20.24 4.87
HO3 BOG D . -17.80 17.99 6.24
H4 BOG D . -16.46 18.81 4.95
HO4 BOG D . -15.84 20.85 4.52
H5 BOG D . -17.60 19.40 2.21
H61 BOG D . -15.52 19.11 1.42
H62 BOG D . -15.03 19.48 3.07
HO6 BOG D . -15.77 16.87 2.69
H1'1 BOG D . -19.64 16.09 6.03
H1'2 BOG D . -18.92 14.84 5.00
H2'1 BOG D . -16.83 15.57 6.71
H2'2 BOG D . -18.25 15.59 7.75
H3'1 BOG D . -17.39 13.30 5.97
H3'2 BOG D . -18.85 13.31 6.98
H4'1 BOG D . -15.99 13.40 8.00
H4'2 BOG D . -17.44 13.39 9.00
H5'1 BOG D . -17.87 11.18 8.60
H5'2 BOG D . -17.29 11.26 6.94
H6'1 BOG D . -15.85 10.59 9.44
H6'2 BOG D . -14.95 11.51 8.23
H7'1 BOG D . -14.52 9.20 7.83
H7'2 BOG D . -15.60 9.76 6.55
H8'1 BOG D . -17.45 8.60 7.43
H8'2 BOG D . -16.66 8.35 8.99
H8'3 BOG D . -16.10 7.46 7.56
C1 BOG E . -9.16 -10.71 -17.74
O1 BOG E . -9.78 -9.64 -17.12
C2 BOG E . -9.32 -11.97 -16.88
O2 BOG E . -8.36 -11.84 -15.81
C3 BOG E . -9.06 -13.25 -17.58
O3 BOG E . -9.42 -14.38 -16.71
C4 BOG E . -9.85 -13.36 -18.82
O4 BOG E . -9.52 -14.60 -19.47
C5 BOG E . -9.52 -12.17 -19.72
O5 BOG E . -9.77 -10.85 -19.07
C6 BOG E . -10.35 -12.22 -20.97
O6 BOG E . -9.96 -11.15 -21.79
C1' BOG E . -9.09 -9.06 -16.06
C2' BOG E . -9.49 -7.59 -15.97
C3' BOG E . -8.83 -6.89 -14.78
C4' BOG E . -9.78 -6.81 -13.59
C5' BOG E . -9.19 -5.98 -12.45
C6' BOG E . -7.96 -6.64 -11.86
C7' BOG E . -6.69 -5.92 -12.28
C8' BOG E . -6.50 -4.61 -11.50
H1 BOG E . -8.11 -10.53 -17.85
H2 BOG E . -10.34 -12.01 -16.51
HO2 BOG E . -7.50 -11.67 -16.17
H3 BOG E . -8.00 -13.30 -17.81
HO3 BOG E . -9.20 -14.16 -15.81
H4 BOG E . -10.91 -13.36 -18.61
HO4 BOG E . -8.77 -14.48 -20.01
H5 BOG E . -8.47 -12.26 -20.00
H61 BOG E . -10.18 -13.16 -21.48
H62 BOG E . -11.39 -12.13 -20.71
HO6 BOG E . -9.02 -11.15 -21.87
H1'1 BOG E . -9.34 -9.56 -15.13
H1'2 BOG E . -8.02 -9.14 -16.24
H2'1 BOG E . -9.19 -7.09 -16.88
H2'2 BOG E . -10.56 -7.52 -15.88
H3'1 BOG E . -8.56 -5.88 -15.07
H3'2 BOG E . -7.94 -7.42 -14.49
H4'1 BOG E . -10.72 -6.36 -13.91
H4'2 BOG E . -9.98 -7.82 -13.23
H5'1 BOG E . -8.92 -5.00 -12.84
H5'2 BOG E . -9.95 -5.86 -11.68
H6'1 BOG E . -7.91 -7.67 -12.20
H6'2 BOG E . -8.03 -6.64 -10.78
H7'1 BOG E . -6.75 -5.68 -13.34
H7'2 BOG E . -5.83 -6.56 -12.10
H8'1 BOG E . -7.31 -4.49 -10.79
H8'2 BOG E . -6.49 -3.78 -12.19
H8'3 BOG E . -5.55 -4.65 -10.96
C1 BOG F . -6.88 -9.91 -20.81
O1 BOG F . -5.58 -9.68 -20.39
C2 BOG F . -7.59 -8.65 -21.30
O2 BOG F . -8.77 -8.56 -20.45
C3 BOG F . -8.13 -8.61 -22.66
O3 BOG F . -8.14 -7.19 -23.05
C4 BOG F . -7.40 -9.35 -23.69
O4 BOG F . -8.46 -9.95 -24.49
C5 BOG F . -6.46 -10.43 -23.18
O5 BOG F . -6.84 -10.95 -21.84
C6 BOG F . -5.10 -9.82 -23.20
O6 BOG F . -4.20 -10.77 -22.73
C1' BOG F . -5.25 -8.56 -19.61
C2' BOG F . -6.26 -8.38 -18.48
C3' BOG F . -6.19 -6.96 -17.95
C4' BOG F . -5.61 -6.89 -16.55
C5' BOG F . -5.45 -5.45 -16.10
C6' BOG F . -4.06 -5.15 -15.57
C7' BOG F . -3.82 -5.81 -14.23
C8' BOG F . -3.51 -4.76 -13.16
H1 BOG F . -7.44 -10.26 -19.95
H2 BOG F . -6.85 -7.86 -21.23
HO2 BOG F . -8.84 -7.77 -19.92
H3 BOG F . -9.11 -9.07 -22.62
HO3 BOG F . -8.46 -6.61 -22.37
H4 BOG F . -6.77 -8.69 -24.25
HO4 BOG F . -8.86 -10.68 -24.01
H5 BOG F . -6.46 -11.30 -23.83
H61 BOG F . -4.84 -9.53 -24.21
H62 BOG F . -5.08 -8.95 -22.55
HO6 BOG F . -4.50 -11.10 -21.90
H1'1 BOG F . -4.27 -8.70 -19.18
H1'2 BOG F . -5.25 -7.67 -20.24
H2'1 BOG F . -7.27 -8.58 -18.86
H2'2 BOG F . -6.04 -9.08 -17.69
H3'1 BOG F . -5.56 -6.37 -18.62
H3'2 BOG F . -7.19 -6.54 -17.95
H4'1 BOG F . -6.26 -7.42 -15.87
H4'2 BOG F . -4.63 -7.37 -16.55
H5'1 BOG F . -5.66 -4.80 -16.95
H5'2 BOG F . -6.17 -5.25 -15.32
H6'1 BOG F . -3.32 -5.51 -16.28
H6'2 BOG F . -3.94 -4.07 -15.47
H7'1 BOG F . -2.98 -6.49 -14.30
H7'2 BOG F . -4.71 -6.36 -13.93
H8'1 BOG F . -4.23 -3.95 -13.24
H8'2 BOG F . -2.51 -4.37 -13.31
H8'3 BOG F . -3.58 -5.22 -12.17
CL CL G . 3.37 13.05 -21.78
CL CL H . -12.11 -14.98 -4.78
NA NA I . 21.00 -14.73 -3.45
#